data_2MD1
#
_entry.id   2MD1
#
_entity_poly.entity_id   1
_entity_poly.type   'polypeptide(L)'
_entity_poly.pdbx_seq_one_letter_code
;WKLLSKAQEKFGKNKSR
;
_entity_poly.pdbx_strand_id   A
#
# COMPACT_ATOMS: atom_id res chain seq x y z
N TRP A 1 0.49 -7.01 8.14
CA TRP A 1 -0.83 -6.56 8.55
C TRP A 1 -1.81 -6.58 7.37
N LYS A 2 -2.73 -7.54 7.40
CA LYS A 2 -3.73 -7.67 6.33
C LYS A 2 -4.42 -6.34 6.07
N LEU A 3 -4.44 -5.47 7.08
CA LEU A 3 -5.07 -4.16 6.95
C LEU A 3 -4.21 -3.22 6.12
N LEU A 4 -2.90 -3.28 6.34
CA LEU A 4 -1.96 -2.44 5.60
C LEU A 4 -1.61 -3.05 4.25
N SER A 5 -1.66 -4.37 4.18
CA SER A 5 -1.35 -5.09 2.95
C SER A 5 -2.50 -4.98 1.96
N LYS A 6 -3.69 -4.64 2.46
CA LYS A 6 -4.87 -4.50 1.62
C LYS A 6 -5.18 -3.03 1.35
N ALA A 7 -4.63 -2.15 2.20
CA ALA A 7 -4.85 -0.72 2.05
C ALA A 7 -3.66 -0.05 1.38
N GLN A 8 -2.56 -0.78 1.29
CA GLN A 8 -1.34 -0.26 0.66
C GLN A 8 -1.05 -0.97 -0.65
N GLU A 9 -1.55 -2.19 -0.78
CA GLU A 9 -1.35 -2.98 -1.99
C GLU A 9 -1.86 -2.23 -3.21
N LYS A 10 -2.85 -1.37 -3.01
CA LYS A 10 -3.44 -0.60 -4.10
C LYS A 10 -2.65 0.69 -4.33
N PHE A 11 -1.46 0.76 -3.75
CA PHE A 11 -0.61 1.94 -3.90
C PHE A 11 0.73 1.55 -4.51
N GLY A 12 0.69 1.00 -5.72
CA GLY A 12 1.91 0.61 -6.39
C GLY A 12 2.56 1.74 -7.15
N LYS A 13 1.95 2.92 -7.07
CA LYS A 13 2.47 4.10 -7.76
C LYS A 13 2.92 5.17 -6.76
N ASN A 14 2.41 5.06 -5.53
CA ASN A 14 2.76 6.02 -4.48
C ASN A 14 4.14 5.70 -3.89
N LYS A 15 4.60 4.49 -4.12
CA LYS A 15 5.91 4.06 -3.62
C LYS A 15 6.95 4.08 -4.73
N SER A 16 7.10 5.24 -5.37
CA SER A 16 8.06 5.39 -6.46
C SER A 16 9.10 6.46 -6.11
N ARG A 17 9.43 6.57 -4.83
CA ARG A 17 10.40 7.55 -4.37
C ARG A 17 11.78 6.91 -4.20
N TRP A 1 0.30 -6.17 9.56
CA TRP A 1 -1.15 -6.13 9.74
C TRP A 1 -1.87 -6.40 8.42
N LYS A 2 -2.47 -7.58 8.31
CA LYS A 2 -3.20 -7.97 7.11
C LYS A 2 -4.19 -6.88 6.70
N LEU A 3 -4.62 -6.08 7.68
CA LEU A 3 -5.58 -5.01 7.43
C LEU A 3 -4.89 -3.83 6.74
N LEU A 4 -3.67 -3.53 7.16
CA LEU A 4 -2.92 -2.43 6.58
C LEU A 4 -2.19 -2.87 5.31
N SER A 5 -1.84 -4.15 5.26
CA SER A 5 -1.14 -4.70 4.11
C SER A 5 -2.10 -4.90 2.93
N LYS A 6 -3.39 -4.94 3.23
CA LYS A 6 -4.41 -5.13 2.21
C LYS A 6 -5.06 -3.80 1.84
N ALA A 7 -4.96 -2.82 2.74
CA ALA A 7 -5.54 -1.51 2.50
C ALA A 7 -4.47 -0.52 2.03
N GLN A 8 -3.21 -0.92 2.17
CA GLN A 8 -2.09 -0.07 1.75
C GLN A 8 -1.42 -0.61 0.50
N GLU A 9 -1.54 -1.92 0.29
CA GLU A 9 -0.95 -2.57 -0.87
C GLU A 9 -1.47 -1.94 -2.16
N LYS A 10 -2.67 -1.39 -2.10
CA LYS A 10 -3.28 -0.75 -3.27
C LYS A 10 -2.85 0.71 -3.38
N PHE A 11 -1.81 1.07 -2.64
CA PHE A 11 -1.30 2.44 -2.66
C PHE A 11 0.16 2.47 -3.09
N GLY A 12 0.44 1.84 -4.22
CA GLY A 12 1.80 1.80 -4.74
C GLY A 12 2.04 2.85 -5.82
N LYS A 13 1.36 3.99 -5.69
CA LYS A 13 1.50 5.07 -6.66
C LYS A 13 2.80 5.84 -6.43
N ASN A 14 3.28 5.83 -5.19
CA ASN A 14 4.51 6.53 -4.84
C ASN A 14 5.58 5.54 -4.37
N LYS A 15 5.88 4.55 -5.22
CA LYS A 15 6.89 3.55 -4.90
C LYS A 15 8.25 4.19 -4.66
N SER A 16 8.78 4.82 -5.71
CA SER A 16 10.09 5.47 -5.62
C SER A 16 10.09 6.54 -4.53
N ARG A 17 9.26 7.56 -4.70
CA ARG A 17 9.17 8.65 -3.74
C ARG A 17 8.58 8.15 -2.42
N TRP A 1 -0.08 -6.41 9.19
CA TRP A 1 -1.51 -6.67 9.17
C TRP A 1 -2.04 -6.69 7.74
N LYS A 2 -2.38 -7.89 7.26
CA LYS A 2 -2.90 -8.05 5.91
C LYS A 2 -4.06 -7.08 5.64
N LEU A 3 -4.73 -6.66 6.71
CA LEU A 3 -5.84 -5.74 6.60
C LEU A 3 -5.35 -4.32 6.31
N LEU A 4 -4.26 -3.94 6.97
CA LEU A 4 -3.69 -2.61 6.79
C LEU A 4 -2.76 -2.57 5.57
N SER A 5 -2.17 -3.72 5.25
CA SER A 5 -1.27 -3.82 4.11
C SER A 5 -2.05 -3.86 2.80
N LYS A 6 -3.34 -4.19 2.90
CA LYS A 6 -4.20 -4.27 1.72
C LYS A 6 -5.06 -3.01 1.60
N ALA A 7 -5.24 -2.32 2.72
CA ALA A 7 -6.05 -1.10 2.73
C ALA A 7 -5.16 0.14 2.67
N GLN A 8 -3.86 -0.06 2.88
CA GLN A 8 -2.91 1.05 2.85
C GLN A 8 -2.03 0.98 1.60
N GLU A 9 -1.86 -0.22 1.07
CA GLU A 9 -1.05 -0.42 -0.12
C GLU A 9 -1.57 0.41 -1.28
N LYS A 10 -2.86 0.74 -1.23
CA LYS A 10 -3.49 1.54 -2.28
C LYS A 10 -3.31 3.03 -2.01
N PHE A 11 -2.41 3.35 -1.09
CA PHE A 11 -2.14 4.75 -0.75
C PHE A 11 -0.66 5.08 -0.98
N GLY A 12 0.20 4.10 -0.76
CA GLY A 12 1.62 4.31 -0.95
C GLY A 12 2.18 3.52 -2.12
N LYS A 13 1.46 3.52 -3.23
CA LYS A 13 1.88 2.79 -4.42
C LYS A 13 2.99 3.54 -5.15
N ASN A 14 3.01 4.86 -4.98
CA ASN A 14 4.03 5.69 -5.62
C ASN A 14 5.25 5.85 -4.73
N LYS A 15 5.73 4.74 -4.19
CA LYS A 15 6.90 4.75 -3.31
C LYS A 15 8.13 5.27 -4.05
N SER A 16 8.15 5.07 -5.36
CA SER A 16 9.27 5.53 -6.18
C SER A 16 9.42 7.04 -6.12
N ARG A 17 8.47 7.75 -6.72
CA ARG A 17 8.50 9.20 -6.73
C ARG A 17 7.63 9.77 -5.60
N TRP A 1 0.11 -7.84 7.75
CA TRP A 1 -1.03 -7.11 8.29
C TRP A 1 -2.07 -6.84 7.20
N LYS A 2 -3.20 -7.54 7.28
CA LYS A 2 -4.27 -7.38 6.30
C LYS A 2 -4.64 -5.91 6.14
N LEU A 3 -4.36 -5.12 7.17
CA LEU A 3 -4.66 -3.69 7.12
C LEU A 3 -3.66 -2.94 6.26
N LEU A 4 -2.39 -3.34 6.35
CA LEU A 4 -1.34 -2.71 5.56
C LEU A 4 -1.25 -3.32 4.17
N SER A 5 -1.63 -4.59 4.07
CA SER A 5 -1.59 -5.29 2.78
C SER A 5 -2.76 -4.87 1.90
N LYS A 6 -3.78 -4.29 2.52
CA LYS A 6 -4.96 -3.83 1.79
C LYS A 6 -4.91 -2.33 1.55
N ALA A 7 -4.12 -1.63 2.37
CA ALA A 7 -3.97 -0.19 2.25
C ALA A 7 -2.70 0.18 1.50
N GLN A 8 -1.82 -0.80 1.33
CA GLN A 8 -0.56 -0.59 0.63
C GLN A 8 -0.57 -1.26 -0.74
N GLU A 9 -1.38 -2.30 -0.87
CA GLU A 9 -1.48 -3.04 -2.14
C GLU A 9 -1.89 -2.11 -3.27
N LYS A 10 -2.61 -1.04 -2.94
CA LYS A 10 -3.06 -0.07 -3.92
C LYS A 10 -2.00 1.00 -4.17
N PHE A 11 -0.77 0.73 -3.71
CA PHE A 11 0.33 1.66 -3.88
C PHE A 11 1.47 1.02 -4.67
N GLY A 12 1.13 0.03 -5.50
CA GLY A 12 2.14 -0.65 -6.29
C GLY A 12 2.79 0.27 -7.31
N LYS A 13 2.04 1.28 -7.75
CA LYS A 13 2.55 2.23 -8.74
C LYS A 13 2.70 3.62 -8.12
N ASN A 14 2.01 3.85 -7.01
CA ASN A 14 2.07 5.14 -6.33
C ASN A 14 3.11 5.11 -5.22
N LYS A 15 4.36 4.84 -5.58
CA LYS A 15 5.44 4.80 -4.61
C LYS A 15 6.14 6.15 -4.51
N SER A 16 5.35 7.20 -4.31
CA SER A 16 5.89 8.55 -4.19
C SER A 16 6.42 8.81 -2.78
N ARG A 17 5.80 8.17 -1.80
CA ARG A 17 6.20 8.32 -0.41
C ARG A 17 7.52 7.63 -0.14
N TRP A 1 0.52 -5.34 9.27
CA TRP A 1 -0.92 -5.51 9.41
C TRP A 1 -1.55 -5.86 8.06
N LYS A 2 -1.98 -7.11 7.92
CA LYS A 2 -2.60 -7.57 6.69
C LYS A 2 -3.72 -6.64 6.26
N LEU A 3 -4.31 -5.94 7.23
CA LEU A 3 -5.39 -5.01 6.96
C LEU A 3 -4.87 -3.74 6.30
N LEU A 4 -3.72 -3.26 6.77
CA LEU A 4 -3.11 -2.06 6.22
C LEU A 4 -2.29 -2.37 4.98
N SER A 5 -1.75 -3.59 4.92
CA SER A 5 -0.95 -4.03 3.79
C SER A 5 -1.84 -4.35 2.59
N LYS A 6 -3.12 -4.55 2.84
CA LYS A 6 -4.07 -4.88 1.79
C LYS A 6 -4.92 -3.66 1.43
N ALA A 7 -4.97 -2.70 2.35
CA ALA A 7 -5.74 -1.48 2.13
C ALA A 7 -4.84 -0.33 1.70
N GLN A 8 -3.54 -0.52 1.84
CA GLN A 8 -2.57 0.51 1.46
C GLN A 8 -1.77 0.08 0.24
N GLU A 9 -1.66 -1.23 0.05
CA GLU A 9 -0.92 -1.78 -1.09
C GLU A 9 -1.46 -1.24 -2.41
N LYS A 10 -2.72 -0.85 -2.40
CA LYS A 10 -3.37 -0.31 -3.60
C LYS A 10 -3.06 1.17 -3.77
N PHE A 11 -2.13 1.68 -2.96
CA PHE A 11 -1.75 3.08 -3.01
C PHE A 11 -0.26 3.23 -3.30
N GLY A 12 0.32 2.22 -3.94
CA GLY A 12 1.73 2.25 -4.26
C GLY A 12 1.99 2.59 -5.72
N LYS A 13 1.58 3.79 -6.12
CA LYS A 13 1.77 4.24 -7.49
C LYS A 13 2.76 5.39 -7.56
N ASN A 14 2.97 6.06 -6.42
CA ASN A 14 3.89 7.18 -6.36
C ASN A 14 5.06 6.86 -5.43
N LYS A 15 5.53 5.62 -5.49
CA LYS A 15 6.64 5.19 -4.65
C LYS A 15 7.83 4.75 -5.51
N SER A 16 7.98 5.36 -6.68
CA SER A 16 9.05 5.03 -7.59
C SER A 16 9.93 6.25 -7.86
N ARG A 17 10.01 7.15 -6.88
CA ARG A 17 10.81 8.36 -7.00
C ARG A 17 12.26 8.08 -6.63
N TRP A 1 -1.06 -8.89 8.13
CA TRP A 1 -2.37 -8.33 8.43
C TRP A 1 -3.10 -7.93 7.14
N LYS A 2 -4.13 -8.69 6.79
CA LYS A 2 -4.91 -8.41 5.59
C LYS A 2 -5.36 -6.96 5.56
N LEU A 3 -5.46 -6.35 6.73
CA LEU A 3 -5.89 -4.96 6.84
C LEU A 3 -4.77 -4.01 6.42
N LEU A 4 -3.54 -4.35 6.81
CA LEU A 4 -2.38 -3.53 6.46
C LEU A 4 -1.86 -3.88 5.07
N SER A 5 -2.06 -5.13 4.67
CA SER A 5 -1.61 -5.59 3.36
C SER A 5 -2.53 -5.07 2.26
N LYS A 6 -3.74 -4.66 2.64
CA LYS A 6 -4.71 -4.15 1.69
C LYS A 6 -4.75 -2.62 1.72
N ALA A 7 -4.29 -2.05 2.83
CA ALA A 7 -4.27 -0.60 2.98
C ALA A 7 -2.88 -0.04 2.69
N GLN A 8 -1.90 -0.92 2.62
CA GLN A 8 -0.52 -0.52 2.36
C GLN A 8 -0.09 -0.93 0.95
N GLU A 9 -0.73 -1.97 0.43
CA GLU A 9 -0.41 -2.47 -0.90
C GLU A 9 -0.58 -1.38 -1.95
N LYS A 10 -1.48 -0.44 -1.68
CA LYS A 10 -1.73 0.67 -2.59
C LYS A 10 -0.78 1.82 -2.33
N PHE A 11 0.28 1.55 -1.57
CA PHE A 11 1.26 2.58 -1.24
C PHE A 11 2.65 2.17 -1.73
N GLY A 12 2.69 1.40 -2.82
CA GLY A 12 3.95 0.96 -3.37
C GLY A 12 4.39 1.79 -4.56
N LYS A 13 3.43 2.42 -5.23
CA LYS A 13 3.71 3.25 -6.39
C LYS A 13 3.48 4.72 -6.08
N ASN A 14 2.71 4.99 -5.03
CA ASN A 14 2.42 6.36 -4.62
C ASN A 14 3.40 6.82 -3.54
N LYS A 15 4.69 6.77 -3.87
CA LYS A 15 5.73 7.19 -2.93
C LYS A 15 6.39 8.49 -3.39
N SER A 16 6.44 8.68 -4.70
CA SER A 16 7.05 9.88 -5.27
C SER A 16 5.98 10.80 -5.86
N ARG A 17 4.91 10.21 -6.37
CA ARG A 17 3.83 10.98 -6.97
C ARG A 17 2.93 11.58 -5.89
N TRP A 1 -0.41 -7.77 8.94
CA TRP A 1 -1.85 -7.59 9.07
C TRP A 1 -2.52 -7.56 7.71
N LYS A 2 -3.24 -8.62 7.38
CA LYS A 2 -3.94 -8.71 6.11
C LYS A 2 -4.78 -7.47 5.85
N LEU A 3 -5.16 -6.79 6.93
CA LEU A 3 -5.97 -5.58 6.81
C LEU A 3 -5.12 -4.40 6.35
N LEU A 4 -3.89 -4.32 6.86
CA LEU A 4 -2.98 -3.25 6.49
C LEU A 4 -2.24 -3.57 5.20
N SER A 5 -2.04 -4.87 4.95
CA SER A 5 -1.35 -5.31 3.75
C SER A 5 -2.26 -5.21 2.52
N LYS A 6 -3.57 -5.13 2.77
CA LYS A 6 -4.54 -5.04 1.69
C LYS A 6 -5.00 -3.59 1.51
N ALA A 7 -4.83 -2.79 2.55
CA ALA A 7 -5.23 -1.38 2.50
C ALA A 7 -4.02 -0.48 2.24
N GLN A 8 -2.83 -1.05 2.37
CA GLN A 8 -1.60 -0.29 2.15
C GLN A 8 -0.93 -0.70 0.84
N GLU A 9 -1.22 -1.92 0.39
CA GLU A 9 -0.64 -2.43 -0.85
C GLU A 9 -0.97 -1.50 -2.02
N LYS A 10 -2.04 -0.73 -1.87
CA LYS A 10 -2.46 0.20 -2.91
C LYS A 10 -1.74 1.54 -2.76
N PHE A 11 -0.65 1.53 -2.00
CA PHE A 11 0.13 2.75 -1.78
C PHE A 11 1.57 2.57 -2.24
N GLY A 12 1.74 1.82 -3.32
CA GLY A 12 3.07 1.57 -3.87
C GLY A 12 3.38 2.44 -5.07
N LYS A 13 2.32 2.97 -5.70
CA LYS A 13 2.49 3.82 -6.87
C LYS A 13 2.99 5.20 -6.47
N ASN A 14 2.68 5.60 -5.24
CA ASN A 14 3.09 6.91 -4.75
C ASN A 14 4.59 6.92 -4.40
N LYS A 15 5.16 5.73 -4.24
CA LYS A 15 6.57 5.60 -3.92
C LYS A 15 7.32 4.93 -5.06
N SER A 16 7.10 5.41 -6.28
CA SER A 16 7.76 4.86 -7.46
C SER A 16 9.16 5.44 -7.62
N ARG A 17 9.26 6.75 -7.51
CA ARG A 17 10.55 7.44 -7.65
C ARG A 17 11.04 7.93 -6.29
N TRP A 1 -0.08 -7.00 8.66
CA TRP A 1 -1.53 -6.97 8.79
C TRP A 1 -2.20 -7.04 7.41
N LYS A 2 -2.82 -8.17 7.12
CA LYS A 2 -3.49 -8.37 5.85
C LYS A 2 -4.46 -7.23 5.55
N LEU A 3 -4.92 -6.57 6.61
CA LEU A 3 -5.84 -5.44 6.47
C LEU A 3 -5.11 -4.20 5.97
N LEU A 4 -3.91 -3.98 6.48
CA LEU A 4 -3.11 -2.82 6.08
C LEU A 4 -2.35 -3.11 4.79
N SER A 5 -2.01 -4.38 4.58
CA SER A 5 -1.27 -4.79 3.39
C SER A 5 -2.19 -4.81 2.17
N LYS A 6 -3.50 -4.84 2.42
CA LYS A 6 -4.47 -4.87 1.34
C LYS A 6 -5.12 -3.50 1.15
N ALA A 7 -4.99 -2.65 2.17
CA ALA A 7 -5.55 -1.31 2.11
C ALA A 7 -4.47 -0.27 1.83
N GLN A 8 -3.21 -0.69 1.94
CA GLN A 8 -2.08 0.20 1.70
C GLN A 8 -1.33 -0.18 0.43
N GLU A 9 -1.49 -1.44 0.02
CA GLU A 9 -0.82 -1.95 -1.18
C GLU A 9 -1.16 -1.08 -2.39
N LYS A 10 -2.29 -0.37 -2.31
CA LYS A 10 -2.73 0.50 -3.40
C LYS A 10 -2.08 1.87 -3.28
N PHE A 11 -1.01 1.96 -2.48
CA PHE A 11 -0.30 3.21 -2.29
C PHE A 11 1.16 3.08 -2.70
N GLY A 12 1.41 2.27 -3.72
CA GLY A 12 2.76 2.07 -4.19
C GLY A 12 3.13 3.01 -5.34
N LYS A 13 2.73 4.26 -5.21
CA LYS A 13 3.02 5.26 -6.24
C LYS A 13 3.95 6.34 -5.71
N ASN A 14 4.01 6.46 -4.38
CA ASN A 14 4.86 7.46 -3.75
C ASN A 14 6.24 6.89 -3.43
N LYS A 15 6.33 5.56 -3.41
CA LYS A 15 7.59 4.88 -3.13
C LYS A 15 8.31 4.52 -4.42
N SER A 16 7.55 4.09 -5.42
CA SER A 16 8.11 3.71 -6.71
C SER A 16 8.96 4.84 -7.29
N ARG A 17 8.53 6.08 -7.04
CA ARG A 17 9.25 7.25 -7.54
C ARG A 17 10.55 7.45 -6.78
N TRP A 1 -0.54 -4.86 10.12
CA TRP A 1 -1.83 -5.48 9.86
C TRP A 1 -2.00 -5.81 8.38
N LYS A 2 -1.95 -7.09 8.06
CA LYS A 2 -2.09 -7.53 6.67
C LYS A 2 -3.35 -6.93 6.04
N LEU A 3 -4.31 -6.58 6.87
CA LEU A 3 -5.56 -5.99 6.39
C LEU A 3 -5.36 -4.54 5.99
N LEU A 4 -4.55 -3.82 6.77
CA LEU A 4 -4.27 -2.41 6.49
C LEU A 4 -3.14 -2.28 5.47
N SER A 5 -2.24 -3.26 5.47
CA SER A 5 -1.11 -3.24 4.55
C SER A 5 -1.54 -3.64 3.14
N LYS A 6 -2.70 -4.28 3.04
CA LYS A 6 -3.23 -4.71 1.76
C LYS A 6 -4.31 -3.75 1.26
N ALA A 7 -4.89 -2.99 2.19
CA ALA A 7 -5.92 -2.02 1.84
C ALA A 7 -5.35 -0.61 1.75
N GLN A 8 -4.13 -0.45 2.25
CA GLN A 8 -3.47 0.85 2.22
C GLN A 8 -2.35 0.89 1.19
N GLU A 9 -1.81 -0.29 0.87
CA GLU A 9 -0.75 -0.39 -0.10
C GLU A 9 -1.15 0.22 -1.44
N LYS A 10 -2.46 0.29 -1.67
CA LYS A 10 -2.99 0.87 -2.90
C LYS A 10 -3.10 2.38 -2.81
N PHE A 11 -2.42 2.96 -1.81
CA PHE A 11 -2.43 4.40 -1.62
C PHE A 11 -1.03 4.98 -1.71
N GLY A 12 -0.03 4.09 -1.75
CA GLY A 12 1.35 4.54 -1.83
C GLY A 12 1.81 4.73 -3.27
N LYS A 13 1.09 5.57 -4.01
CA LYS A 13 1.43 5.84 -5.40
C LYS A 13 2.69 6.69 -5.50
N ASN A 14 2.95 7.48 -4.46
CA ASN A 14 4.13 8.35 -4.43
C ASN A 14 5.42 7.52 -4.36
N LYS A 15 5.27 6.26 -3.96
CA LYS A 15 6.42 5.36 -3.84
C LYS A 15 6.27 4.18 -4.80
N SER A 16 6.03 4.46 -6.06
CA SER A 16 5.87 3.42 -7.07
C SER A 16 7.07 2.47 -7.07
N ARG A 17 8.25 3.03 -7.27
CA ARG A 17 9.47 2.23 -7.29
C ARG A 17 10.17 2.27 -5.94
N TRP A 1 0.61 -4.94 8.69
CA TRP A 1 -0.78 -5.36 8.72
C TRP A 1 -1.30 -5.62 7.31
N LYS A 2 -1.49 -6.89 6.98
CA LYS A 2 -1.98 -7.28 5.66
C LYS A 2 -3.23 -6.48 5.29
N LEU A 3 -3.96 -6.04 6.31
CA LEU A 3 -5.18 -5.27 6.10
C LEU A 3 -4.85 -3.86 5.63
N LEU A 4 -3.84 -3.26 6.24
CA LEU A 4 -3.42 -1.90 5.88
C LEU A 4 -2.53 -1.91 4.65
N SER A 5 -1.78 -3.00 4.47
CA SER A 5 -0.89 -3.14 3.33
C SER A 5 -1.68 -3.39 2.05
N LYS A 6 -2.91 -3.84 2.20
CA LYS A 6 -3.77 -4.12 1.05
C LYS A 6 -4.72 -2.95 0.79
N ALA A 7 -4.97 -2.16 1.83
CA ALA A 7 -5.85 -1.00 1.70
C ALA A 7 -5.05 0.28 1.49
N GLN A 8 -3.75 0.19 1.72
CA GLN A 8 -2.88 1.35 1.55
C GLN A 8 -2.01 1.21 0.31
N GLU A 9 -1.78 -0.03 -0.11
CA GLU A 9 -0.96 -0.31 -1.28
C GLU A 9 -1.53 0.40 -2.51
N LYS A 10 -2.83 0.61 -2.51
CA LYS A 10 -3.51 1.28 -3.63
C LYS A 10 -3.46 2.79 -3.46
N PHE A 11 -2.62 3.26 -2.54
CA PHE A 11 -2.49 4.69 -2.28
C PHE A 11 -1.05 5.14 -2.50
N GLY A 12 -0.10 4.26 -2.20
CA GLY A 12 1.30 4.59 -2.37
C GLY A 12 1.85 4.13 -3.71
N LYS A 13 1.20 4.57 -4.79
CA LYS A 13 1.62 4.18 -6.13
C LYS A 13 3.11 4.46 -6.34
N ASN A 14 3.59 5.54 -5.75
CA ASN A 14 5.00 5.93 -5.86
C ASN A 14 5.73 5.66 -4.56
N LYS A 15 4.98 5.53 -3.47
CA LYS A 15 5.55 5.26 -2.15
C LYS A 15 6.28 3.92 -2.14
N SER A 16 5.56 2.85 -2.47
CA SER A 16 6.14 1.51 -2.49
C SER A 16 7.38 1.47 -3.35
N ARG A 17 7.43 2.32 -4.37
CA ARG A 17 8.56 2.39 -5.27
C ARG A 17 9.59 3.40 -4.78
#